data_1SI5
#
_entry.id   1SI5
#
_cell.length_a   63.700
_cell.length_b   63.700
_cell.length_c   135.100
_cell.angle_alpha   90.00
_cell.angle_beta   90.00
_cell.angle_gamma   120.00
#
_symmetry.space_group_name_H-M   'P 31 2 1'
#
loop_
_entity.id
_entity.type
_entity.pdbx_description
1 polymer 'hepatocyte growth factor'
2 water water
#
_entity_poly.entity_id   1
_entity_poly.type   'polypeptide(L)'
_entity_poly.pdbx_seq_one_letter_code
;VVNGIPTRTNIGWMVSLRYRNKHICGGSLIKESWVLTARQCFPSRDLKDYEAWLGIHDVHGRGDEKCKQVLNVSQLVYGP
EGSDLVLMKLARPAVLDDFVSTIDLPNYGSTIPEKTSCSVYGWGYTGLINYDGLLRVAHLYIMGNEKCSQHHRGKVTLNE
SEICAGAEKIGSGPCEGDYGGPLVCEQHKMRMVLGVIVPGRGCAIPNRPGIFVRVAYYAKWIHKIILTYKVPQSHHHHHH
;
_entity_poly.pdbx_strand_id   H
#
# COMPACT_ATOMS: atom_id res chain seq x y z
N VAL A 1 -8.38 -4.77 6.77
CA VAL A 1 -9.31 -3.59 6.91
C VAL A 1 -10.52 -3.97 7.77
N VAL A 2 -10.82 -3.09 8.74
CA VAL A 2 -11.91 -3.30 9.67
C VAL A 2 -13.02 -2.28 9.33
N ASN A 3 -14.28 -2.74 9.26
CA ASN A 3 -15.43 -1.96 8.82
C ASN A 3 -15.21 -1.37 7.44
N GLY A 4 -14.82 -2.26 6.52
CA GLY A 4 -14.76 -1.96 5.11
C GLY A 4 -15.60 -3.01 4.41
N ILE A 5 -15.62 -2.99 3.09
CA ILE A 5 -16.40 -3.98 2.35
C ILE A 5 -15.58 -4.55 1.22
N PRO A 6 -15.98 -5.72 0.72
CA PRO A 6 -15.28 -6.34 -0.41
C PRO A 6 -15.34 -5.43 -1.61
N THR A 7 -14.32 -5.51 -2.45
CA THR A 7 -14.31 -4.84 -3.74
C THR A 7 -15.10 -5.70 -4.72
N ARG A 8 -15.80 -5.05 -5.64
CA ARG A 8 -16.57 -5.78 -6.65
C ARG A 8 -15.64 -6.71 -7.42
N THR A 9 -14.55 -6.14 -7.91
CA THR A 9 -13.55 -6.88 -8.67
C THR A 9 -12.17 -6.51 -8.13
N ASN A 10 -11.12 -7.08 -8.71
CA ASN A 10 -9.78 -6.81 -8.23
C ASN A 10 -9.25 -5.48 -8.70
N ILE A 11 -8.31 -4.92 -7.93
CA ILE A 11 -7.70 -3.64 -8.21
C ILE A 11 -6.30 -3.89 -8.76
N GLY A 12 -6.05 -3.37 -9.97
CA GLY A 12 -4.88 -3.72 -10.76
C GLY A 12 -3.55 -3.35 -10.16
N TRP A 13 -3.49 -2.21 -9.49
CA TRP A 13 -2.27 -1.76 -8.87
C TRP A 13 -1.98 -2.35 -7.48
N MET A 14 -2.82 -3.27 -7.00
CA MET A 14 -2.65 -3.83 -5.66
C MET A 14 -1.78 -5.08 -5.62
N VAL A 15 -0.81 -5.06 -4.73
CA VAL A 15 0.10 -6.20 -4.56
C VAL A 15 -0.04 -6.82 -3.19
N SER A 16 -0.04 -8.14 -3.13
CA SER A 16 0.04 -8.87 -1.86
C SER A 16 1.48 -9.28 -1.63
N LEU A 17 2.15 -8.63 -0.67
CA LEU A 17 3.49 -9.09 -0.27
C LEU A 17 3.34 -10.34 0.60
N ARG A 18 3.85 -11.48 0.10
CA ARG A 18 3.90 -12.75 0.83
C ARG A 18 5.24 -12.94 1.54
N TYR A 19 5.16 -13.49 2.75
CA TYR A 19 6.38 -13.79 3.51
C TYR A 19 6.18 -15.18 4.02
N ARG A 20 7.09 -16.05 3.62
CA ARG A 20 7.03 -17.46 4.02
C ARG A 20 5.69 -18.06 3.58
N ASN A 21 5.40 -17.91 2.29
CA ASN A 21 4.18 -18.46 1.69
C ASN A 21 2.90 -17.94 2.32
N LYS A 22 2.84 -16.68 2.70
CA LYS A 22 1.63 -16.15 3.30
C LYS A 22 1.57 -14.65 3.29
N HIS A 23 0.39 -14.10 3.01
CA HIS A 23 0.22 -12.66 2.97
C HIS A 23 0.68 -12.05 4.30
N ILE A 24 1.27 -10.88 4.21
CA ILE A 24 1.68 -10.09 5.35
C ILE A 24 1.45 -8.61 5.06
N CYS A 25 1.48 -8.21 3.80
CA CYS A 25 1.28 -6.80 3.46
C CYS A 25 0.71 -6.55 2.07
N GLY A 26 0.32 -5.31 1.84
CA GLY A 26 -0.04 -4.90 0.50
C GLY A 26 1.01 -3.94 -0.01
N GLY A 27 1.07 -3.80 -1.34
CA GLY A 27 1.93 -2.81 -1.94
C GLY A 27 1.30 -2.21 -3.18
N SER A 28 1.91 -1.13 -3.66
CA SER A 28 1.49 -0.52 -4.91
C SER A 28 2.50 -0.70 -6.05
N LEU A 29 2.10 -1.44 -7.09
CA LEU A 29 2.85 -1.55 -8.34
C LEU A 29 2.95 -0.21 -9.01
N ILE A 30 4.07 0.48 -8.84
CA ILE A 30 4.28 1.78 -9.47
C ILE A 30 5.00 1.76 -10.83
N LYS A 31 5.63 0.63 -11.17
CA LYS A 31 6.23 0.41 -12.50
C LYS A 31 6.14 -1.08 -12.79
N GLU A 32 6.53 -1.48 -13.99
CA GLU A 32 6.40 -2.89 -14.37
C GLU A 32 7.25 -3.79 -13.47
N SER A 33 8.21 -3.19 -12.78
CA SER A 33 9.11 -3.97 -11.95
C SER A 33 9.31 -3.44 -10.52
N TRP A 34 8.52 -2.45 -10.13
CA TRP A 34 8.63 -1.82 -8.82
C TRP A 34 7.33 -1.77 -8.01
N VAL A 35 7.45 -2.06 -6.72
CA VAL A 35 6.33 -2.02 -5.79
C VAL A 35 6.67 -1.12 -4.60
N LEU A 36 5.90 -0.05 -4.40
CA LEU A 36 6.10 0.82 -3.24
C LEU A 36 5.37 0.24 -2.05
N THR A 37 6.09 0.03 -0.95
CA THR A 37 5.53 -0.65 0.22
C THR A 37 6.13 -0.12 1.52
N ALA A 38 5.98 -0.87 2.62
CA ALA A 38 6.39 -0.37 3.94
C ALA A 38 7.47 -1.18 4.66
N ARG A 39 8.23 -0.50 5.50
CA ARG A 39 9.32 -1.16 6.28
C ARG A 39 8.85 -2.31 7.18
N GLN A 40 7.77 -2.07 7.92
CA GLN A 40 7.20 -3.06 8.83
C GLN A 40 6.79 -4.37 8.14
N CYS A 41 6.98 -4.45 6.82
CA CYS A 41 6.60 -5.66 6.07
C CYS A 41 7.72 -6.68 5.87
N PHE A 42 8.85 -6.48 6.53
CA PHE A 42 9.99 -7.38 6.27
C PHE A 42 10.65 -7.75 7.57
N PRO A 43 10.20 -8.86 8.15
CA PRO A 43 10.78 -9.36 9.40
C PRO A 43 12.26 -9.72 9.19
N SER A 44 12.58 -10.31 8.02
CA SER A 44 13.95 -10.71 7.67
C SER A 44 14.49 -9.92 6.48
N ARG A 45 15.81 -9.83 6.39
CA ARG A 45 16.49 -9.22 5.23
C ARG A 45 16.90 -10.25 4.17
N ASP A 46 16.36 -11.47 4.20
CA ASP A 46 16.71 -12.36 3.07
C ASP A 46 15.60 -12.67 2.05
N LEU A 47 15.83 -12.15 0.85
CA LEU A 47 14.93 -12.16 -0.29
C LEU A 47 14.21 -13.48 -0.57
N LYS A 48 14.89 -14.61 -0.35
CA LYS A 48 14.30 -15.90 -0.67
C LYS A 48 12.99 -16.12 0.08
N ASP A 49 12.75 -15.30 1.11
CA ASP A 49 11.52 -15.36 1.92
C ASP A 49 10.29 -14.66 1.28
N TYR A 50 10.47 -13.99 0.14
CA TYR A 50 9.40 -13.16 -0.42
C TYR A 50 8.93 -13.49 -1.83
N GLU A 51 7.66 -13.15 -2.06
CA GLU A 51 6.99 -13.22 -3.34
C GLU A 51 6.06 -12.04 -3.42
N ALA A 52 5.60 -11.77 -4.62
CA ALA A 52 4.64 -10.71 -4.83
C ALA A 52 3.60 -11.30 -5.72
N TRP A 53 2.37 -11.33 -5.23
CA TRP A 53 1.26 -11.77 -6.03
C TRP A 53 0.57 -10.54 -6.55
N LEU A 54 0.41 -10.52 -7.88
CA LEU A 54 -0.28 -9.50 -8.63
C LEU A 54 -1.51 -10.13 -9.26
N GLY A 55 -2.44 -9.27 -9.67
CA GLY A 55 -3.65 -9.70 -10.36
C GLY A 55 -4.53 -10.64 -9.56
N ILE A 56 -4.51 -10.52 -8.24
CA ILE A 56 -5.40 -11.33 -7.40
C ILE A 56 -6.53 -10.50 -6.81
N HIS A 57 -7.64 -11.18 -6.52
CA HIS A 57 -8.77 -10.57 -5.82
C HIS A 57 -8.84 -11.22 -4.44
N ASP A 58 -8.69 -12.55 -4.43
CA ASP A 58 -8.66 -13.38 -3.25
C ASP A 58 -7.25 -13.38 -2.68
N VAL A 59 -7.10 -13.68 -1.39
CA VAL A 59 -5.77 -13.58 -0.78
C VAL A 59 -4.99 -14.83 -1.13
N HIS A 60 -5.71 -15.94 -1.31
CA HIS A 60 -5.08 -17.20 -1.68
C HIS A 60 -5.18 -17.40 -3.18
N GLY A 61 -5.63 -16.37 -3.88
CA GLY A 61 -5.80 -16.41 -5.32
C GLY A 61 -6.79 -17.44 -5.80
N ARG A 62 -7.74 -17.81 -4.96
CA ARG A 62 -8.69 -18.91 -5.26
C ARG A 62 -9.44 -18.86 -6.61
N GLY A 63 -10.18 -17.78 -6.86
CA GLY A 63 -10.81 -17.64 -8.15
C GLY A 63 -9.91 -17.03 -9.21
N ASP A 64 -8.73 -16.55 -8.81
CA ASP A 64 -7.81 -15.81 -9.67
C ASP A 64 -6.90 -16.75 -10.47
N GLU A 65 -7.28 -18.04 -10.47
CA GLU A 65 -6.58 -19.13 -11.14
C GLU A 65 -5.82 -18.81 -12.43
N LYS A 66 -6.29 -17.82 -13.18
CA LYS A 66 -5.63 -17.45 -14.43
C LYS A 66 -5.18 -15.99 -14.46
N CYS A 67 -5.82 -15.17 -13.62
CA CYS A 67 -5.50 -13.76 -13.48
C CYS A 67 -4.07 -13.53 -12.92
N LYS A 68 -3.65 -14.34 -11.94
CA LYS A 68 -2.48 -14.00 -11.10
C LYS A 68 -1.06 -14.13 -11.66
N GLN A 69 -0.20 -13.22 -11.23
CA GLN A 69 1.21 -13.25 -11.56
C GLN A 69 2.02 -13.26 -10.26
N VAL A 70 2.86 -14.29 -10.13
CA VAL A 70 3.74 -14.43 -8.97
C VAL A 70 5.17 -14.14 -9.39
N LEU A 71 5.76 -13.12 -8.76
CA LEU A 71 7.11 -12.68 -9.05
C LEU A 71 8.04 -12.66 -7.82
N ASN A 72 9.24 -13.22 -7.96
CA ASN A 72 10.25 -13.13 -6.89
C ASN A 72 10.73 -11.71 -6.69
N VAL A 73 11.41 -11.46 -5.57
CA VAL A 73 11.91 -10.14 -5.30
C VAL A 73 13.43 -10.15 -5.32
N SER A 74 13.99 -9.42 -6.29
CA SER A 74 15.43 -9.40 -6.57
C SER A 74 16.17 -8.35 -5.78
N GLN A 75 15.48 -7.31 -5.34
CA GLN A 75 16.12 -6.25 -4.61
C GLN A 75 15.21 -5.59 -3.62
N LEU A 76 15.79 -4.72 -2.81
CA LEU A 76 15.07 -4.10 -1.72
C LEU A 76 15.78 -2.83 -1.35
N VAL A 77 15.19 -1.71 -1.70
CA VAL A 77 15.86 -0.45 -1.43
C VAL A 77 15.09 0.20 -0.31
N TYR A 78 15.81 0.75 0.67
CA TYR A 78 15.18 1.37 1.82
C TYR A 78 15.10 2.88 1.67
N GLY A 79 14.10 3.50 2.29
CA GLY A 79 13.85 4.92 2.14
C GLY A 79 14.72 5.69 3.10
N PRO A 80 14.64 7.02 3.12
CA PRO A 80 15.33 7.86 4.12
C PRO A 80 15.10 7.43 5.59
N GLU A 81 15.22 8.34 6.55
CA GLU A 81 15.10 8.00 7.96
C GLU A 81 13.65 7.59 8.31
N GLY A 82 12.95 8.43 9.08
CA GLY A 82 11.59 8.14 9.52
C GLY A 82 10.58 8.13 8.40
N SER A 83 10.89 7.37 7.35
CA SER A 83 10.03 7.32 6.20
C SER A 83 9.24 6.02 6.24
N ASP A 84 9.93 4.93 6.52
CA ASP A 84 9.36 3.59 6.59
C ASP A 84 9.02 3.00 5.24
N LEU A 85 9.53 3.62 4.18
CA LEU A 85 9.23 3.11 2.84
C LEU A 85 10.29 2.16 2.37
N VAL A 86 9.88 1.27 1.49
CA VAL A 86 10.82 0.42 0.81
C VAL A 86 10.28 0.11 -0.59
N LEU A 87 11.18 0.14 -1.55
CA LEU A 87 10.83 -0.21 -2.92
C LEU A 87 11.33 -1.58 -3.18
N MET A 88 10.43 -2.49 -3.44
CA MET A 88 10.82 -3.80 -3.88
C MET A 88 10.99 -3.72 -5.41
N LYS A 89 12.12 -4.21 -5.87
CA LYS A 89 12.33 -4.39 -7.30
C LYS A 89 11.98 -5.83 -7.58
N LEU A 90 11.18 -6.06 -8.60
CA LEU A 90 10.72 -7.40 -8.90
C LEU A 90 11.74 -8.10 -9.77
N ALA A 91 11.81 -9.43 -9.62
CA ALA A 91 12.79 -10.14 -10.40
C ALA A 91 12.63 -9.94 -11.90
N ARG A 92 11.55 -10.41 -12.51
CA ARG A 92 11.32 -10.24 -13.95
C ARG A 92 10.07 -9.36 -14.09
N PRO A 93 9.91 -8.57 -15.16
CA PRO A 93 8.83 -7.55 -15.23
C PRO A 93 7.42 -8.11 -15.04
N ALA A 94 6.54 -7.27 -14.50
CA ALA A 94 5.13 -7.60 -14.39
C ALA A 94 4.48 -7.40 -15.76
N VAL A 95 3.65 -8.35 -16.16
CA VAL A 95 2.94 -8.29 -17.44
C VAL A 95 1.66 -7.50 -17.21
N LEU A 96 1.64 -6.24 -17.61
CA LEU A 96 0.41 -5.44 -17.57
C LEU A 96 -0.69 -6.06 -18.44
N ASP A 97 -1.89 -6.12 -17.88
CA ASP A 97 -3.06 -6.60 -18.61
C ASP A 97 -4.36 -5.98 -18.08
N ASP A 98 -5.45 -6.72 -18.22
CA ASP A 98 -6.75 -6.33 -17.68
C ASP A 98 -6.82 -6.40 -16.16
N PHE A 99 -5.95 -7.21 -15.56
CA PHE A 99 -5.99 -7.50 -14.14
C PHE A 99 -4.83 -6.85 -13.38
N VAL A 100 -3.76 -6.55 -14.09
CA VAL A 100 -2.60 -5.91 -13.47
C VAL A 100 -2.32 -4.62 -14.19
N SER A 101 -2.12 -3.58 -13.42
CA SER A 101 -1.87 -2.25 -13.94
C SER A 101 -1.07 -1.56 -12.89
N THR A 102 -0.63 -0.35 -13.24
CA THR A 102 0.17 0.48 -12.35
C THR A 102 -0.56 1.78 -11.96
N ILE A 103 -0.18 2.36 -10.83
CA ILE A 103 -0.85 3.54 -10.35
C ILE A 103 0.19 4.64 -10.37
N ASP A 104 -0.24 5.84 -10.72
CA ASP A 104 0.65 7.00 -10.78
C ASP A 104 1.00 7.48 -9.40
N LEU A 105 2.09 8.25 -9.35
CA LEU A 105 2.62 8.83 -8.14
C LEU A 105 2.38 10.33 -8.21
N PRO A 106 2.19 10.99 -7.08
CA PRO A 106 1.97 12.43 -7.08
C PRO A 106 3.23 13.21 -7.43
N ASN A 107 3.09 14.53 -7.55
CA ASN A 107 4.23 15.41 -7.84
C ASN A 107 4.81 15.98 -6.57
N TYR A 108 6.12 15.82 -6.47
CA TYR A 108 6.95 16.30 -5.37
C TYR A 108 6.42 17.56 -4.68
N GLY A 109 5.50 17.39 -3.72
CA GLY A 109 4.97 18.51 -2.95
C GLY A 109 3.48 18.76 -3.05
N SER A 110 2.74 17.90 -3.76
CA SER A 110 1.29 18.03 -3.92
C SER A 110 0.63 18.11 -2.56
N THR A 111 -0.17 19.16 -2.35
CA THR A 111 -0.93 19.32 -1.11
C THR A 111 -2.38 18.90 -1.36
N ILE A 112 -2.83 17.80 -0.73
CA ILE A 112 -4.23 17.34 -0.82
C ILE A 112 -5.13 18.07 0.16
N PRO A 113 -6.20 18.70 -0.35
CA PRO A 113 -7.07 19.53 0.49
C PRO A 113 -7.91 18.68 1.44
N GLU A 114 -8.30 19.28 2.57
CA GLU A 114 -9.09 18.59 3.60
C GLU A 114 -10.48 18.22 3.14
N LYS A 115 -11.03 17.19 3.76
CA LYS A 115 -12.37 16.67 3.47
C LYS A 115 -12.45 15.97 2.11
N THR A 116 -11.29 15.81 1.47
CA THR A 116 -11.13 15.05 0.22
C THR A 116 -11.33 13.56 0.47
N SER A 117 -12.06 12.91 -0.43
CA SER A 117 -12.37 11.49 -0.31
C SER A 117 -11.22 10.58 -0.77
N CYS A 118 -10.90 9.58 0.05
CA CYS A 118 -9.76 8.69 -0.19
C CYS A 118 -10.16 7.24 0.13
N SER A 119 -9.46 6.27 -0.46
CA SER A 119 -9.68 4.84 -0.16
C SER A 119 -8.40 4.06 0.26
N VAL A 120 -8.54 3.14 1.21
CA VAL A 120 -7.49 2.19 1.54
C VAL A 120 -7.93 0.84 1.07
N TYR A 121 -6.98 0.02 0.69
CA TYR A 121 -7.32 -1.34 0.26
C TYR A 121 -6.43 -2.32 1.02
N GLY A 122 -6.93 -3.51 1.34
CA GLY A 122 -6.04 -4.49 1.93
C GLY A 122 -6.63 -5.86 2.15
N TRP A 123 -5.76 -6.86 2.29
CA TRP A 123 -6.18 -8.17 2.73
C TRP A 123 -5.94 -8.43 4.22
N GLY A 124 -5.60 -7.37 4.96
CA GLY A 124 -5.27 -7.54 6.39
C GLY A 124 -6.42 -7.89 7.32
N TYR A 125 -6.23 -7.63 8.61
CA TYR A 125 -7.18 -7.98 9.67
C TYR A 125 -8.58 -7.36 9.50
N THR A 126 -9.64 -8.18 9.58
CA THR A 126 -11.01 -7.66 9.41
C THR A 126 -11.89 -7.71 10.65
N GLY A 127 -11.50 -8.51 11.64
CA GLY A 127 -12.34 -8.76 12.79
C GLY A 127 -13.44 -9.80 12.53
N LEU A 128 -13.51 -10.33 11.32
CA LEU A 128 -14.51 -11.35 10.98
C LEU A 128 -14.09 -12.71 11.56
N ILE A 129 -15.05 -13.58 11.88
CA ILE A 129 -14.77 -14.93 12.36
C ILE A 129 -14.15 -15.75 11.24
N ASN A 130 -14.72 -15.63 10.04
CA ASN A 130 -14.21 -16.28 8.84
C ASN A 130 -14.10 -15.30 7.68
N TYR A 131 -12.92 -14.70 7.52
CA TYR A 131 -12.65 -13.77 6.43
C TYR A 131 -12.65 -14.51 5.10
N ASP A 132 -13.44 -14.04 4.16
CA ASP A 132 -13.67 -14.73 2.90
C ASP A 132 -12.43 -14.76 2.02
N GLY A 133 -11.53 -13.81 2.21
CA GLY A 133 -10.29 -13.74 1.47
C GLY A 133 -10.22 -12.58 0.52
N LEU A 134 -11.37 -11.95 0.27
CA LEU A 134 -11.46 -10.94 -0.78
C LEU A 134 -10.86 -9.60 -0.37
N LEU A 135 -10.26 -8.93 -1.35
CA LEU A 135 -9.70 -7.61 -1.10
C LEU A 135 -10.82 -6.73 -0.59
N ARG A 136 -10.53 -5.88 0.38
CA ARG A 136 -11.54 -4.99 0.98
C ARG A 136 -11.07 -3.57 0.96
N VAL A 137 -12.05 -2.66 0.90
CA VAL A 137 -11.79 -1.23 0.84
C VAL A 137 -12.56 -0.45 1.92
N ALA A 138 -11.95 0.60 2.44
CA ALA A 138 -12.65 1.46 3.37
C ALA A 138 -12.47 2.89 2.94
N HIS A 139 -13.45 3.73 3.21
CA HIS A 139 -13.38 5.10 2.74
C HIS A 139 -13.06 6.03 3.84
N LEU A 140 -12.19 6.99 3.54
CA LEU A 140 -11.64 7.88 4.54
C LEU A 140 -11.67 9.29 3.98
N TYR A 141 -11.59 10.29 4.84
CA TYR A 141 -11.48 11.68 4.40
C TYR A 141 -10.19 12.28 4.89
N ILE A 142 -9.48 13.00 4.02
CA ILE A 142 -8.27 13.70 4.45
C ILE A 142 -8.61 14.71 5.54
N MET A 143 -7.77 14.78 6.56
CA MET A 143 -8.02 15.66 7.70
C MET A 143 -6.79 16.48 8.06
N GLY A 144 -7.00 17.52 8.86
CA GLY A 144 -5.92 18.33 9.39
C GLY A 144 -4.94 17.48 10.19
N ASN A 145 -3.65 17.68 9.93
CA ASN A 145 -2.58 16.94 10.61
C ASN A 145 -2.63 16.95 12.14
N GLU A 146 -3.27 17.99 12.71
CA GLU A 146 -3.44 18.12 14.16
C GLU A 146 -4.37 17.07 14.80
N LYS A 147 -5.28 16.51 14.01
CA LYS A 147 -6.20 15.49 14.52
C LYS A 147 -5.49 14.15 14.75
N CYS A 148 -4.38 13.94 14.05
CA CYS A 148 -3.60 12.71 14.20
C CYS A 148 -2.59 12.74 15.34
N SER A 149 -2.22 13.94 15.79
CA SER A 149 -1.19 14.17 16.83
C SER A 149 -0.80 12.91 17.63
N GLN A 150 0.11 12.09 17.06
CA GLN A 150 0.58 10.82 17.65
C GLN A 150 -0.42 10.03 18.53
N LEU A 158 9.12 15.72 10.97
CA LEU A 158 8.19 14.75 11.51
C LEU A 158 6.80 14.83 10.87
N ASN A 159 6.26 16.04 10.68
CA ASN A 159 4.88 16.18 10.22
C ASN A 159 4.67 16.26 8.71
N GLU A 160 5.55 16.99 8.01
CA GLU A 160 5.40 17.20 6.58
C GLU A 160 5.40 15.94 5.73
N SER A 161 6.14 14.91 6.16
CA SER A 161 6.15 13.63 5.46
C SER A 161 4.87 12.83 5.68
N GLU A 162 4.00 13.30 6.56
CA GLU A 162 2.80 12.54 6.94
C GLU A 162 1.46 13.10 6.47
N ILE A 163 0.54 12.19 6.19
CA ILE A 163 -0.85 12.52 5.84
C ILE A 163 -1.76 12.02 6.97
N CYS A 164 -2.84 12.75 7.22
CA CYS A 164 -3.84 12.38 8.23
C CYS A 164 -5.19 12.12 7.57
N ALA A 165 -5.62 10.87 7.54
CA ALA A 165 -6.95 10.55 7.00
C ALA A 165 -7.78 9.57 7.88
N GLY A 166 -9.06 9.91 8.02
CA GLY A 166 -9.99 9.16 8.85
C GLY A 166 -11.40 9.12 8.31
N ALA A 167 -12.22 8.22 8.87
CA ALA A 167 -13.63 8.15 8.53
C ALA A 167 -14.34 9.06 9.52
N GLU A 168 -15.52 9.56 9.15
CA GLU A 168 -16.27 10.43 10.06
C GLU A 168 -17.03 9.62 11.11
N LYS A 169 -16.55 9.69 12.36
CA LYS A 169 -17.20 9.16 13.55
C LYS A 169 -17.14 7.63 13.71
N ILE A 170 -17.58 6.89 12.70
CA ILE A 170 -17.44 5.43 12.72
C ILE A 170 -15.95 5.04 12.83
N GLY A 171 -15.67 3.90 13.43
CA GLY A 171 -14.29 3.47 13.56
C GLY A 171 -13.94 2.47 12.49
N SER A 172 -13.27 2.92 11.43
CA SER A 172 -12.82 2.00 10.38
C SER A 172 -11.45 2.38 9.79
N GLY A 173 -10.79 1.42 9.14
CA GLY A 173 -9.48 1.70 8.60
C GLY A 173 -8.63 0.47 8.53
N PRO A 174 -7.38 0.65 8.10
CA PRO A 174 -6.45 -0.46 7.89
C PRO A 174 -5.84 -0.92 9.21
N CYS A 175 -5.33 -2.16 9.21
CA CYS A 175 -4.72 -2.80 10.38
C CYS A 175 -3.65 -3.79 9.92
N GLU A 176 -3.12 -4.60 10.84
CA GLU A 176 -2.08 -5.57 10.44
C GLU A 176 -2.47 -6.38 9.20
N GLY A 177 -1.53 -6.48 8.27
CA GLY A 177 -1.81 -7.13 7.00
C GLY A 177 -2.18 -6.15 5.88
N ASP A 178 -2.61 -4.94 6.25
CA ASP A 178 -2.84 -3.86 5.28
C ASP A 178 -1.66 -2.89 5.11
N TYR A 179 -0.65 -3.02 5.97
CA TYR A 179 0.55 -2.19 5.89
C TYR A 179 1.18 -2.33 4.53
N GLY A 180 1.75 -1.23 4.03
CA GLY A 180 2.36 -1.22 2.72
C GLY A 180 1.42 -0.86 1.58
N GLY A 181 0.13 -1.16 1.74
CA GLY A 181 -0.86 -0.78 0.76
C GLY A 181 -1.03 0.74 0.66
N PRO A 182 -1.79 1.19 -0.32
CA PRO A 182 -1.98 2.61 -0.59
C PRO A 182 -3.20 3.32 0.02
N LEU A 183 -3.02 4.59 0.35
CA LEU A 183 -4.10 5.50 0.50
C LEU A 183 -4.25 6.19 -0.88
N VAL A 184 -5.30 5.87 -1.63
CA VAL A 184 -5.51 6.48 -2.95
C VAL A 184 -6.67 7.46 -2.97
N CYS A 185 -6.45 8.61 -3.62
CA CYS A 185 -7.48 9.64 -3.82
C CYS A 185 -7.57 10.09 -5.30
N GLU A 186 -8.35 11.13 -5.57
CA GLU A 186 -8.46 11.73 -6.93
C GLU A 186 -7.84 13.12 -6.95
N GLN A 187 -6.54 13.18 -7.26
CA GLN A 187 -5.81 14.46 -7.27
C GLN A 187 -5.94 15.18 -8.61
N HIS A 188 -5.05 14.88 -9.56
CA HIS A 188 -5.04 15.55 -10.86
C HIS A 188 -6.15 15.00 -11.77
N LYS A 189 -5.78 14.17 -12.75
CA LYS A 189 -6.76 13.62 -13.69
C LYS A 189 -7.36 12.30 -13.21
N MET A 190 -6.54 11.51 -12.52
CA MET A 190 -6.94 10.16 -12.10
C MET A 190 -6.46 9.75 -10.68
N ARG A 191 -6.40 8.43 -10.46
CA ARG A 191 -6.04 7.84 -9.19
C ARG A 191 -4.53 7.81 -8.96
N MET A 192 -4.13 8.19 -7.74
CA MET A 192 -2.73 8.24 -7.33
C MET A 192 -2.53 7.68 -5.91
N VAL A 193 -1.43 6.96 -5.73
CA VAL A 193 -1.00 6.55 -4.39
C VAL A 193 -0.46 7.75 -3.60
N LEU A 194 -1.34 8.38 -2.83
CA LEU A 194 -0.94 9.52 -2.01
C LEU A 194 -0.28 9.16 -0.69
N GLY A 195 -0.52 7.94 -0.23
CA GLY A 195 -0.08 7.56 1.10
C GLY A 195 0.22 6.10 1.17
N VAL A 196 1.10 5.73 2.07
CA VAL A 196 1.39 4.32 2.29
C VAL A 196 0.98 4.03 3.73
N ILE A 197 0.23 2.94 3.90
CA ILE A 197 -0.33 2.58 5.19
C ILE A 197 0.80 2.04 6.08
N VAL A 198 0.87 2.58 7.29
CA VAL A 198 1.85 2.17 8.28
C VAL A 198 1.13 2.01 9.63
N PRO A 199 1.57 1.09 10.49
CA PRO A 199 0.92 0.90 11.80
C PRO A 199 1.04 2.16 12.61
N GLY A 200 0.17 2.34 13.58
CA GLY A 200 0.35 3.45 14.49
C GLY A 200 -0.81 3.61 15.44
N ARG A 201 -1.71 4.51 15.07
CA ARG A 201 -2.82 4.90 15.93
C ARG A 201 -3.88 3.80 16.02
N GLY A 202 -3.58 2.77 16.83
CA GLY A 202 -4.50 1.65 17.03
C GLY A 202 -5.02 1.04 15.73
N CYS A 203 -6.26 0.57 15.76
CA CYS A 203 -6.87 -0.09 14.60
C CYS A 203 -8.39 0.07 14.61
N ALA A 204 -8.87 0.97 13.76
CA ALA A 204 -10.29 1.23 13.56
C ALA A 204 -10.98 1.72 14.84
N ILE A 205 -10.30 2.63 15.54
CA ILE A 205 -10.84 3.32 16.71
C ILE A 205 -11.65 4.53 16.23
N PRO A 206 -12.88 4.65 16.73
CA PRO A 206 -13.77 5.75 16.34
C PRO A 206 -13.17 7.12 16.67
N ASN A 207 -13.31 8.07 15.75
CA ASN A 207 -12.73 9.42 15.87
C ASN A 207 -11.26 9.42 16.25
N ARG A 208 -10.49 8.62 15.51
CA ARG A 208 -9.06 8.52 15.69
C ARG A 208 -8.46 8.19 14.32
N PRO A 209 -8.21 9.23 13.52
CA PRO A 209 -7.76 9.07 12.13
C PRO A 209 -6.36 8.48 12.04
N GLY A 210 -6.04 7.87 10.92
CA GLY A 210 -4.75 7.24 10.74
C GLY A 210 -3.75 8.17 10.08
N ILE A 211 -2.50 7.93 10.44
CA ILE A 211 -1.35 8.62 9.88
C ILE A 211 -0.76 7.77 8.72
N PHE A 212 -0.55 8.40 7.57
CA PHE A 212 -0.06 7.67 6.39
C PHE A 212 1.20 8.35 5.94
N VAL A 213 2.21 7.60 5.49
CA VAL A 213 3.39 8.28 5.00
C VAL A 213 3.07 9.04 3.70
N ARG A 214 3.36 10.34 3.63
CA ARG A 214 3.02 11.15 2.47
C ARG A 214 3.97 10.82 1.32
N VAL A 215 3.47 10.13 0.30
CA VAL A 215 4.29 9.76 -0.86
C VAL A 215 4.91 10.97 -1.57
N ALA A 216 4.15 12.06 -1.66
CA ALA A 216 4.63 13.32 -2.24
C ALA A 216 5.94 13.86 -1.63
N TYR A 217 6.19 13.56 -0.36
CA TYR A 217 7.43 13.97 0.30
C TYR A 217 8.66 13.16 -0.14
N TYR A 218 8.47 11.89 -0.49
CA TYR A 218 9.58 11.03 -0.87
C TYR A 218 9.52 10.74 -2.35
N ALA A 219 8.82 11.64 -3.04
CA ALA A 219 8.59 11.51 -4.47
C ALA A 219 9.89 11.60 -5.28
N LYS A 220 10.77 12.55 -4.95
CA LYS A 220 12.06 12.65 -5.64
C LYS A 220 12.75 11.30 -5.52
N TRP A 221 12.99 10.88 -4.27
CA TRP A 221 13.66 9.63 -3.95
C TRP A 221 13.10 8.46 -4.75
N ILE A 222 11.77 8.33 -4.81
CA ILE A 222 11.15 7.23 -5.54
C ILE A 222 11.59 7.27 -7.01
N HIS A 223 11.67 8.47 -7.55
CA HIS A 223 12.08 8.61 -8.94
C HIS A 223 13.56 8.34 -9.15
N LYS A 224 14.40 8.89 -8.28
CA LYS A 224 15.83 8.59 -8.30
C LYS A 224 16.11 7.08 -8.33
N ILE A 225 15.32 6.33 -7.56
CA ILE A 225 15.53 4.87 -7.42
C ILE A 225 14.95 4.07 -8.59
N ILE A 226 13.80 4.49 -9.08
CA ILE A 226 13.13 3.79 -10.19
C ILE A 226 13.95 3.79 -11.50
N LEU A 227 14.83 4.77 -11.63
CA LEU A 227 15.73 4.89 -12.79
C LEU A 227 17.21 4.85 -12.36
N THR A 228 17.69 3.65 -12.00
CA THR A 228 19.08 3.45 -11.56
C THR A 228 19.51 1.97 -11.42
N TYR A 229 20.79 1.74 -11.61
CA TYR A 229 21.35 0.40 -11.57
C TYR A 229 21.12 -0.36 -10.26
N LYS A 230 21.48 -1.64 -10.27
CA LYS A 230 21.32 -2.52 -9.12
C LYS A 230 22.10 -2.03 -7.89
N VAL A 231 23.43 -2.05 -7.99
CA VAL A 231 24.32 -1.63 -6.91
C VAL A 231 24.22 -2.55 -5.69
N PRO A 232 25.34 -3.16 -5.28
CA PRO A 232 25.41 -4.08 -4.13
C PRO A 232 24.79 -3.49 -2.87
N GLN A 233 23.61 -3.99 -2.51
CA GLN A 233 22.89 -3.54 -1.33
C GLN A 233 23.47 -4.13 -0.05
N SER A 234 23.05 -5.35 0.28
CA SER A 234 23.52 -6.04 1.48
C SER A 234 23.26 -7.54 1.36
#